data_7D4J
#
_entry.id   7D4J
#
_cell.length_a   53.173
_cell.length_b   53.173
_cell.length_c   345.758
_cell.angle_alpha   90.00
_cell.angle_beta   90.00
_cell.angle_gamma   90.00
#
_symmetry.space_group_name_H-M   'P 41 21 2'
#
loop_
_entity.id
_entity.type
_entity.pdbx_description
1 polymer 'Cyclic AMP-AMP-GMP synthase'
2 non-polymer "2',3'-dideoxyadenosine triphosphate"
3 non-polymer 'MAGNESIUM ION'
4 water water
#
_entity_poly.entity_id   1
_entity_poly.type   'polypeptide(L)'
_entity_poly.pdbx_seq_one_letter_code
;MELQPQFNEFLANIRPTDTQKEDWKSGARTLRERLKNFEPLKEIVVSTFLQGSIRRSTAIRPLGDKRPDVDIVVVTNLDH
TRMSPTDAMDLFIPFLEKYYPGKWETQGRSFGITLSYVELDLVITAIPESGAEKSHLEQLYKSESVLTVNSLEEQTDWRL
NKSWTPNTGWLSESNSAQVEDAPASEWKAHPLVLPDREKNEWGRTHPLAQIRWTAEKNRLCNGHYINLVRAVKWWRQQNS
EDLPKYPKGYPLEHLIGNALDNGTTSMAQGLVQLMDTFLSRWAAIYNQKSKPWLSDHGVAEHDVMARLTAEDFCSFYEGI
ASAAEIARNALASEEPQESAQLWRQLFGSKFPLPGPQGGDRNGGFTTPSKPAEPQKTGRFALEHHHHHH
;
_entity_poly.pdbx_strand_id   A
#
# COMPACT_ATOMS: atom_id res chain seq x y z
N MET A 1 7.88 11.22 -26.90
CA MET A 1 6.89 10.20 -27.24
C MET A 1 6.43 9.47 -26.00
N GLU A 2 5.29 8.77 -26.12
CA GLU A 2 4.73 8.06 -24.98
C GLU A 2 5.42 6.72 -24.75
N LEU A 3 5.94 6.11 -25.81
CA LEU A 3 6.70 4.85 -25.74
C LEU A 3 6.01 3.79 -24.87
N GLN A 4 4.73 3.55 -25.12
CA GLN A 4 3.97 2.60 -24.32
C GLN A 4 4.60 1.21 -24.20
N PRO A 5 5.09 0.59 -25.28
CA PRO A 5 5.72 -0.73 -25.10
C PRO A 5 6.98 -0.68 -24.27
N GLN A 6 7.76 0.39 -24.38
CA GLN A 6 8.94 0.53 -23.53
C GLN A 6 8.55 0.68 -22.06
N PHE A 7 7.48 1.44 -21.78
CA PHE A 7 6.97 1.49 -20.41
C PHE A 7 6.48 0.13 -19.94
N ASN A 8 5.88 -0.65 -20.84
CA ASN A 8 5.42 -1.98 -20.45
C ASN A 8 6.61 -2.84 -20.03
N GLU A 9 7.70 -2.77 -20.80
CA GLU A 9 8.89 -3.54 -20.48
C GLU A 9 9.53 -3.04 -19.18
N PHE A 10 9.59 -1.72 -19.01
CA PHE A 10 10.09 -1.13 -17.78
C PHE A 10 9.32 -1.66 -16.56
N LEU A 11 7.99 -1.68 -16.68
CA LEU A 11 7.16 -2.14 -15.57
C LEU A 11 7.37 -3.61 -15.29
N ALA A 12 7.52 -4.42 -16.33
CA ALA A 12 7.87 -5.82 -16.12
C ALA A 12 9.19 -5.96 -15.39
N ASN A 13 10.14 -5.05 -15.65
CA ASN A 13 11.44 -5.11 -15.00
C ASN A 13 11.41 -4.66 -13.55
N ILE A 14 10.46 -3.81 -13.16
CA ILE A 14 10.47 -3.31 -11.79
C ILE A 14 9.43 -3.95 -10.88
N ARG A 15 8.52 -4.78 -11.42
CA ARG A 15 7.62 -5.54 -10.57
C ARG A 15 8.40 -6.58 -9.76
N PRO A 16 7.88 -6.99 -8.61
CA PRO A 16 8.41 -8.19 -7.95
C PRO A 16 8.41 -9.36 -8.93
N THR A 17 9.50 -10.12 -8.93
CA THR A 17 9.60 -11.27 -9.80
C THR A 17 8.57 -12.34 -9.43
N ASP A 18 8.45 -13.34 -10.30
CA ASP A 18 7.54 -14.45 -10.03
C ASP A 18 7.96 -15.24 -8.81
N THR A 19 9.28 -15.39 -8.61
CA THR A 19 9.79 -16.09 -7.43
C THR A 19 9.39 -15.34 -6.15
N GLN A 20 9.59 -14.02 -6.14
CA GLN A 20 9.22 -13.22 -4.98
C GLN A 20 7.71 -13.25 -4.74
N LYS A 21 6.92 -13.23 -5.82
CA LYS A 21 5.47 -13.28 -5.67
C LYS A 21 5.02 -14.60 -5.06
N GLU A 22 5.60 -15.70 -5.54
CA GLU A 22 5.30 -17.01 -4.95
C GLU A 22 5.73 -17.06 -3.49
N ASP A 23 6.87 -16.45 -3.16
CA ASP A 23 7.32 -16.44 -1.77
C ASP A 23 6.36 -15.65 -0.88
N TRP A 24 5.91 -14.49 -1.34
CA TRP A 24 4.85 -13.73 -0.65
C TRP A 24 3.62 -14.60 -0.41
N LYS A 25 3.12 -15.25 -1.47
CA LYS A 25 1.91 -16.04 -1.34
C LYS A 25 2.10 -17.20 -0.37
N SER A 26 3.26 -17.86 -0.42
CA SER A 26 3.51 -19.02 0.41
C SER A 26 3.64 -18.63 1.88
N GLY A 27 4.44 -17.61 2.17
CA GLY A 27 4.55 -17.15 3.55
C GLY A 27 3.20 -16.75 4.14
N ALA A 28 2.40 -16.00 3.38
CA ALA A 28 1.11 -15.57 3.89
C ALA A 28 0.17 -16.75 4.08
N ARG A 29 0.10 -17.64 3.09
CA ARG A 29 -0.78 -18.79 3.17
C ARG A 29 -0.44 -19.67 4.38
N THR A 30 0.85 -19.91 4.61
CA THR A 30 1.23 -20.75 5.74
C THR A 30 0.92 -20.08 7.07
N LEU A 31 1.19 -18.77 7.20
CA LEU A 31 0.86 -18.07 8.43
C LEU A 31 -0.63 -18.11 8.71
N ARG A 32 -1.45 -17.83 7.69
CA ARG A 32 -2.90 -17.76 7.90
C ARG A 32 -3.49 -19.13 8.17
N GLU A 33 -2.98 -20.18 7.50
CA GLU A 33 -3.42 -21.54 7.80
C GLU A 33 -3.10 -21.91 9.24
N ARG A 34 -1.87 -21.62 9.69
CA ARG A 34 -1.50 -21.93 11.07
C ARG A 34 -2.41 -21.20 12.06
N LEU A 35 -2.63 -19.90 11.85
CA LEU A 35 -3.53 -19.17 12.72
C LEU A 35 -4.93 -19.80 12.73
N LYS A 36 -5.47 -20.10 11.55
CA LYS A 36 -6.82 -20.65 11.46
C LYS A 36 -6.98 -21.95 12.24
N ASN A 37 -5.95 -22.79 12.29
CA ASN A 37 -6.04 -24.09 12.94
C ASN A 37 -5.54 -24.09 14.38
N PHE A 38 -5.16 -22.94 14.94
CA PHE A 38 -4.57 -22.89 16.28
C PHE A 38 -5.68 -22.81 17.32
N GLU A 39 -5.82 -23.89 18.10
CA GLU A 39 -6.98 -24.04 18.97
C GLU A 39 -7.11 -22.95 20.04
N PRO A 40 -6.05 -22.56 20.77
CA PRO A 40 -6.23 -21.54 21.81
C PRO A 40 -6.69 -20.18 21.30
N LEU A 41 -6.70 -19.95 19.98
CA LEU A 41 -7.08 -18.66 19.43
C LEU A 41 -8.38 -18.70 18.64
N LYS A 42 -9.04 -19.87 18.55
CA LYS A 42 -10.20 -19.98 17.67
C LYS A 42 -11.38 -19.13 18.14
N GLU A 43 -11.54 -18.97 19.45
CA GLU A 43 -12.68 -18.21 19.96
C GLU A 43 -12.52 -16.70 19.84
N ILE A 44 -11.32 -16.20 19.53
CA ILE A 44 -11.13 -14.76 19.41
C ILE A 44 -10.79 -14.30 18.01
N VAL A 45 -10.31 -15.18 17.13
CA VAL A 45 -9.92 -14.79 15.78
C VAL A 45 -11.15 -14.83 14.87
N VAL A 46 -11.54 -13.66 14.36
CA VAL A 46 -12.64 -13.61 13.41
C VAL A 46 -12.16 -13.95 12.00
N SER A 47 -11.09 -13.31 11.56
CA SER A 47 -10.55 -13.62 10.23
C SER A 47 -9.16 -13.01 10.11
N THR A 48 -8.52 -13.24 8.96
CA THR A 48 -7.27 -12.58 8.60
C THR A 48 -7.35 -12.11 7.16
N PHE A 49 -6.61 -11.05 6.85
CA PHE A 49 -6.54 -10.61 5.47
C PHE A 49 -5.22 -9.92 5.20
N LEU A 50 -4.92 -9.76 3.90
CA LEU A 50 -3.67 -9.16 3.46
C LEU A 50 -3.81 -7.65 3.32
N GLN A 51 -2.85 -6.94 3.89
CA GLN A 51 -2.59 -5.55 3.60
C GLN A 51 -1.12 -5.43 3.23
N GLY A 52 -0.78 -4.29 2.65
CA GLY A 52 0.57 -4.08 2.17
C GLY A 52 0.61 -3.70 0.71
N SER A 53 1.73 -3.09 0.30
CA SER A 53 1.85 -2.64 -1.09
C SER A 53 1.86 -3.83 -2.06
N ILE A 54 2.31 -5.00 -1.63
CA ILE A 54 2.22 -6.16 -2.52
C ILE A 54 0.76 -6.55 -2.75
N ARG A 55 -0.06 -6.54 -1.70
CA ARG A 55 -1.48 -6.80 -1.87
C ARG A 55 -2.13 -5.78 -2.80
N ARG A 56 -1.74 -4.51 -2.69
CA ARG A 56 -2.31 -3.46 -3.52
C ARG A 56 -1.63 -3.34 -4.88
N SER A 57 -0.60 -4.16 -5.14
CA SER A 57 0.15 -4.15 -6.40
C SER A 57 0.82 -2.80 -6.66
N THR A 58 1.25 -2.13 -5.58
CA THR A 58 2.02 -0.89 -5.71
C THR A 58 3.47 -1.07 -5.27
N ALA A 59 3.94 -2.30 -5.11
CA ALA A 59 5.29 -2.54 -4.62
C ALA A 59 6.25 -2.71 -5.79
N ILE A 60 7.49 -2.32 -5.56
CA ILE A 60 8.53 -2.57 -6.54
C ILE A 60 9.39 -3.75 -6.10
N ARG A 61 10.11 -4.31 -7.06
CA ARG A 61 11.07 -5.37 -6.82
C ARG A 61 12.00 -5.03 -5.66
N PRO A 62 12.10 -5.89 -4.65
CA PRO A 62 13.18 -5.74 -3.67
C PRO A 62 14.54 -5.98 -4.34
N LEU A 63 15.54 -5.21 -3.93
CA LEU A 63 16.89 -5.36 -4.45
C LEU A 63 17.84 -5.82 -3.36
N GLY A 64 18.80 -6.67 -3.75
CA GLY A 64 19.86 -7.04 -2.83
C GLY A 64 19.41 -8.13 -1.88
N ASP A 65 19.67 -7.92 -0.59
CA ASP A 65 19.27 -8.87 0.43
C ASP A 65 17.84 -8.65 0.91
N LYS A 66 17.18 -7.58 0.46
CA LYS A 66 15.82 -7.32 0.90
C LYS A 66 14.86 -8.36 0.34
N ARG A 67 13.85 -8.68 1.13
CA ARG A 67 12.85 -9.68 0.79
C ARG A 67 11.48 -9.05 0.71
N PRO A 68 10.53 -9.66 0.00
CA PRO A 68 9.17 -9.12 -0.05
C PRO A 68 8.53 -9.11 1.33
N ASP A 69 7.64 -8.14 1.54
CA ASP A 69 6.87 -7.97 2.76
C ASP A 69 5.43 -8.44 2.59
N VAL A 70 4.93 -9.16 3.59
CA VAL A 70 3.51 -9.48 3.72
C VAL A 70 3.01 -8.79 4.98
N ASP A 71 1.92 -8.02 4.89
CA ASP A 71 1.33 -7.47 6.10
C ASP A 71 0.01 -8.21 6.32
N ILE A 72 -0.06 -8.98 7.40
CA ILE A 72 -1.25 -9.77 7.73
C ILE A 72 -2.00 -9.05 8.83
N VAL A 73 -3.29 -8.78 8.60
CA VAL A 73 -4.16 -8.21 9.62
C VAL A 73 -4.99 -9.35 10.20
N VAL A 74 -4.92 -9.51 11.51
CA VAL A 74 -5.79 -10.42 12.26
C VAL A 74 -6.94 -9.60 12.81
N VAL A 75 -8.16 -9.97 12.41
CA VAL A 75 -9.38 -9.40 12.94
C VAL A 75 -9.87 -10.29 14.07
N THR A 76 -9.90 -9.74 15.28
CA THR A 76 -10.37 -10.43 16.48
C THR A 76 -11.67 -9.79 16.97
N ASN A 77 -12.32 -10.47 17.90
CA ASN A 77 -13.54 -9.97 18.54
C ASN A 77 -13.27 -9.54 19.98
N LEU A 78 -12.03 -9.18 20.29
CA LEU A 78 -11.69 -8.71 21.63
C LEU A 78 -12.40 -7.39 21.92
N ASP A 79 -12.64 -7.15 23.21
CA ASP A 79 -13.28 -5.91 23.66
C ASP A 79 -12.17 -4.92 23.98
N HIS A 80 -11.95 -3.95 23.08
CA HIS A 80 -10.89 -2.99 23.28
C HIS A 80 -11.16 -2.05 24.45
N THR A 81 -12.39 -1.99 24.95
CA THR A 81 -12.67 -1.14 26.12
C THR A 81 -12.21 -1.79 27.42
N ARG A 82 -12.09 -3.12 27.46
CA ARG A 82 -11.76 -3.85 28.68
C ARG A 82 -10.42 -4.55 28.64
N MET A 83 -9.74 -4.56 27.50
CA MET A 83 -8.44 -5.22 27.37
C MET A 83 -7.43 -4.23 26.79
N SER A 84 -6.26 -4.15 27.41
CA SER A 84 -5.25 -3.22 26.95
C SER A 84 -4.66 -3.69 25.63
N PRO A 85 -4.11 -2.77 24.82
CA PRO A 85 -3.46 -3.19 23.57
C PRO A 85 -2.34 -4.18 23.81
N THR A 86 -1.59 -4.00 24.90
CA THR A 86 -0.49 -4.92 25.22
C THR A 86 -1.00 -6.32 25.52
N ASP A 87 -2.08 -6.45 26.30
CA ASP A 87 -2.62 -7.77 26.61
C ASP A 87 -3.18 -8.45 25.37
N ALA A 88 -3.91 -7.67 24.55
CA ALA A 88 -4.41 -8.19 23.28
C ALA A 88 -3.29 -8.77 22.44
N MET A 89 -2.20 -8.02 22.29
CA MET A 89 -1.07 -8.54 21.51
C MET A 89 -0.43 -9.75 22.20
N ASP A 90 -0.35 -9.72 23.53
CA ASP A 90 0.28 -10.81 24.27
C ASP A 90 -0.46 -12.13 24.07
N LEU A 91 -1.76 -12.06 23.77
CA LEU A 91 -2.50 -13.28 23.48
C LEU A 91 -1.91 -14.08 22.32
N PHE A 92 -1.06 -13.48 21.49
CA PHE A 92 -0.56 -14.16 20.30
C PHE A 92 0.85 -14.69 20.45
N ILE A 93 1.48 -14.50 21.60
CA ILE A 93 2.88 -14.89 21.81
C ILE A 93 3.06 -16.41 21.81
N PRO A 94 2.19 -17.22 22.42
CA PRO A 94 2.37 -18.67 22.29
C PRO A 94 2.33 -19.17 20.85
N PHE A 95 1.47 -18.61 20.01
CA PHE A 95 1.44 -18.96 18.60
C PHE A 95 2.79 -18.70 17.94
N LEU A 96 3.32 -17.50 18.12
CA LEU A 96 4.60 -17.13 17.52
C LEU A 96 5.72 -18.02 18.03
N GLU A 97 5.75 -18.28 19.33
CA GLU A 97 6.78 -19.13 19.91
C GLU A 97 6.69 -20.56 19.39
N LYS A 98 5.48 -21.06 19.14
CA LYS A 98 5.34 -22.41 18.62
C LYS A 98 5.83 -22.50 17.18
N TYR A 99 5.39 -21.59 16.31
CA TYR A 99 5.64 -21.74 14.88
C TYR A 99 6.83 -20.96 14.36
N TYR A 100 7.21 -19.85 14.98
CA TYR A 100 8.34 -19.04 14.50
C TYR A 100 9.33 -18.72 15.62
N PRO A 101 9.78 -19.72 16.39
CA PRO A 101 10.68 -19.43 17.51
C PRO A 101 11.95 -18.74 17.03
N GLY A 102 12.36 -17.71 17.75
CA GLY A 102 13.57 -16.98 17.44
C GLY A 102 13.52 -16.14 16.19
N LYS A 103 12.38 -16.07 15.50
CA LYS A 103 12.29 -15.30 14.27
C LYS A 103 11.30 -14.15 14.35
N TRP A 104 10.66 -13.93 15.49
CA TRP A 104 9.68 -12.87 15.61
C TRP A 104 10.13 -11.86 16.67
N GLU A 105 9.68 -10.62 16.51
CA GLU A 105 9.96 -9.58 17.48
C GLU A 105 8.75 -8.65 17.61
N THR A 106 8.57 -8.11 18.81
CA THR A 106 7.49 -7.17 19.07
C THR A 106 7.86 -5.80 18.51
N GLN A 107 6.92 -5.17 17.83
CA GLN A 107 7.06 -3.82 17.32
C GLN A 107 5.98 -2.93 17.93
N GLY A 108 5.99 -1.65 17.53
CA GLY A 108 5.05 -0.71 18.13
C GLY A 108 3.60 -1.12 17.97
N ARG A 109 3.19 -1.42 16.74
CA ARG A 109 1.80 -1.76 16.45
C ARG A 109 1.65 -3.16 15.87
N SER A 110 2.69 -3.99 15.90
CA SER A 110 2.60 -5.28 15.21
C SER A 110 3.71 -6.20 15.70
N PHE A 111 3.65 -7.44 15.22
CA PHE A 111 4.75 -8.38 15.34
C PHE A 111 5.44 -8.49 13.99
N GLY A 112 6.76 -8.56 14.00
CA GLY A 112 7.54 -8.79 12.80
C GLY A 112 8.08 -10.21 12.83
N ILE A 113 7.99 -10.91 11.71
CA ILE A 113 8.54 -12.24 11.54
C ILE A 113 9.49 -12.22 10.37
N THR A 114 10.74 -12.64 10.59
CA THR A 114 11.76 -12.62 9.55
C THR A 114 12.11 -14.04 9.16
N LEU A 115 11.78 -14.41 7.92
CA LEU A 115 12.22 -15.64 7.29
C LEU A 115 13.28 -15.30 6.25
N SER A 116 13.83 -16.33 5.60
CA SER A 116 14.89 -16.08 4.64
C SER A 116 14.38 -15.59 3.30
N TYR A 117 13.11 -15.87 2.96
CA TYR A 117 12.56 -15.52 1.66
C TYR A 117 11.44 -14.49 1.75
N VAL A 118 11.03 -14.09 2.94
CA VAL A 118 9.89 -13.20 3.09
C VAL A 118 9.95 -12.59 4.48
N GLU A 119 9.41 -11.38 4.60
CA GLU A 119 9.18 -10.73 5.88
C GLU A 119 7.67 -10.61 6.10
N LEU A 120 7.22 -10.98 7.28
CA LEU A 120 5.79 -10.98 7.60
C LEU A 120 5.54 -9.98 8.72
N ASP A 121 4.42 -9.27 8.62
CA ASP A 121 4.01 -8.34 9.66
C ASP A 121 2.61 -8.74 10.10
N LEU A 122 2.45 -8.98 11.40
CA LEU A 122 1.20 -9.48 11.96
C LEU A 122 0.59 -8.36 12.80
N VAL A 123 -0.53 -7.81 12.32
CA VAL A 123 -1.23 -6.72 12.99
C VAL A 123 -2.47 -7.27 13.65
N ILE A 124 -2.59 -7.07 14.96
CA ILE A 124 -3.74 -7.50 15.74
C ILE A 124 -4.74 -6.34 15.78
N THR A 125 -6.00 -6.62 15.43
CA THR A 125 -7.03 -5.58 15.44
C THR A 125 -8.28 -6.11 16.13
N ALA A 126 -9.16 -5.18 16.48
CA ALA A 126 -10.44 -5.51 17.09
C ALA A 126 -11.54 -4.67 16.45
N ILE A 127 -12.76 -5.19 16.51
CA ILE A 127 -13.93 -4.52 15.98
C ILE A 127 -14.60 -3.74 17.11
N PRO A 128 -14.65 -2.41 17.04
CA PRO A 128 -15.26 -1.64 18.14
C PRO A 128 -16.78 -1.81 18.24
N GLU A 129 -17.45 -2.17 17.15
CA GLU A 129 -18.90 -2.27 17.15
C GLU A 129 -19.36 -3.44 18.03
N SER A 130 -20.68 -3.53 18.23
CA SER A 130 -21.27 -4.62 18.98
C SER A 130 -22.63 -4.96 18.39
N GLY A 131 -23.11 -6.16 18.72
CA GLY A 131 -24.45 -6.56 18.33
C GLY A 131 -24.59 -6.79 16.84
N ALA A 132 -25.72 -6.35 16.28
CA ALA A 132 -26.05 -6.62 14.89
C ALA A 132 -25.05 -5.97 13.94
N GLU A 133 -24.62 -4.74 14.25
CA GLU A 133 -23.62 -4.07 13.42
C GLU A 133 -22.32 -4.84 13.43
N LYS A 134 -21.91 -5.34 14.61
CA LYS A 134 -20.72 -6.18 14.68
C LYS A 134 -20.88 -7.44 13.85
N SER A 135 -22.07 -8.05 13.86
CA SER A 135 -22.28 -9.26 13.08
C SER A 135 -22.20 -8.97 11.58
N HIS A 136 -22.80 -7.86 11.14
CA HIS A 136 -22.69 -7.48 9.73
C HIS A 136 -21.24 -7.22 9.34
N LEU A 137 -20.49 -6.52 10.18
CA LEU A 137 -19.08 -6.27 9.89
C LEU A 137 -18.31 -7.57 9.82
N GLU A 138 -18.55 -8.50 10.75
CA GLU A 138 -17.86 -9.79 10.75
C GLU A 138 -18.20 -10.60 9.51
N GLN A 139 -19.43 -10.48 9.00
CA GLN A 139 -19.75 -11.13 7.74
C GLN A 139 -19.00 -10.50 6.57
N LEU A 140 -18.80 -9.18 6.61
CA LEU A 140 -17.93 -8.56 5.63
C LEU A 140 -16.50 -9.13 5.73
N TYR A 141 -15.96 -9.20 6.96
CA TYR A 141 -14.57 -9.61 7.13
C TYR A 141 -14.34 -11.10 6.85
N LYS A 142 -15.39 -11.91 6.82
CA LYS A 142 -15.27 -13.31 6.48
C LYS A 142 -15.57 -13.60 5.01
N SER A 143 -15.88 -12.57 4.23
CA SER A 143 -16.26 -12.76 2.84
C SER A 143 -15.04 -13.12 1.99
N GLU A 144 -15.32 -13.55 0.76
CA GLU A 144 -14.23 -13.86 -0.17
C GLU A 144 -13.43 -12.61 -0.50
N SER A 145 -14.09 -11.45 -0.61
CA SER A 145 -13.38 -10.25 -1.02
C SER A 145 -12.33 -9.83 0.00
N VAL A 146 -12.58 -10.09 1.29
CA VAL A 146 -11.61 -9.72 2.31
C VAL A 146 -10.55 -10.80 2.46
N LEU A 147 -10.93 -12.06 2.37
CA LEU A 147 -10.01 -13.17 2.58
C LEU A 147 -9.08 -13.43 1.39
N THR A 148 -9.27 -12.71 0.28
CA THR A 148 -8.63 -13.05 -0.97
C THR A 148 -7.11 -13.20 -0.82
N VAL A 149 -6.55 -14.19 -1.54
CA VAL A 149 -5.11 -14.38 -1.58
C VAL A 149 -4.47 -13.68 -2.77
N ASN A 150 -5.24 -13.01 -3.61
CA ASN A 150 -4.72 -12.43 -4.83
C ASN A 150 -4.41 -10.94 -4.65
N SER A 151 -3.41 -10.49 -5.40
CA SER A 151 -3.09 -9.07 -5.44
C SER A 151 -4.09 -8.33 -6.32
N LEU A 152 -4.06 -7.01 -6.22
CA LEU A 152 -5.05 -6.17 -6.87
C LEU A 152 -5.00 -6.32 -8.39
N GLU A 153 -3.80 -6.33 -8.97
CA GLU A 153 -3.69 -6.40 -10.42
C GLU A 153 -4.05 -7.78 -10.96
N GLU A 154 -4.04 -8.83 -10.12
CA GLU A 154 -4.42 -10.15 -10.56
C GLU A 154 -5.94 -10.35 -10.65
N GLN A 155 -6.74 -9.51 -10.01
CA GLN A 155 -8.20 -9.61 -10.11
C GLN A 155 -8.81 -8.21 -10.19
N THR A 156 -8.99 -7.72 -11.41
CA THR A 156 -9.58 -6.42 -11.67
C THR A 156 -11.06 -6.36 -11.28
N ASP A 157 -11.73 -7.50 -11.21
CA ASP A 157 -13.15 -7.53 -10.85
C ASP A 157 -13.39 -7.43 -9.35
N TRP A 158 -12.33 -7.37 -8.54
CA TRP A 158 -12.48 -7.32 -7.09
C TRP A 158 -13.25 -6.07 -6.66
N ARG A 159 -14.16 -6.26 -5.70
CA ARG A 159 -14.86 -5.17 -5.04
C ARG A 159 -14.98 -5.48 -3.55
N LEU A 160 -15.09 -4.43 -2.74
CA LEU A 160 -15.32 -4.59 -1.31
C LEU A 160 -16.80 -4.86 -1.12
N ASN A 161 -17.18 -6.13 -1.16
CA ASN A 161 -18.59 -6.51 -1.10
C ASN A 161 -18.67 -7.97 -0.71
N LYS A 162 -19.41 -8.28 0.36
CA LYS A 162 -19.49 -9.65 0.83
C LYS A 162 -20.11 -10.60 -0.20
N SER A 163 -20.73 -10.07 -1.25
CA SER A 163 -21.30 -10.89 -2.30
C SER A 163 -20.34 -11.17 -3.44
N TRP A 164 -19.21 -10.47 -3.49
CA TRP A 164 -18.24 -10.67 -4.58
C TRP A 164 -17.63 -12.06 -4.51
N THR A 165 -17.37 -12.62 -5.69
CA THR A 165 -16.73 -13.92 -5.80
C THR A 165 -15.77 -13.90 -6.98
N PRO A 166 -14.62 -14.57 -6.87
CA PRO A 166 -13.61 -14.58 -7.94
C PRO A 166 -14.08 -15.26 -9.22
N GLN A 178 -21.68 -8.18 -12.83
CA GLN A 178 -20.61 -7.59 -12.04
C GLN A 178 -21.16 -6.84 -10.82
N VAL A 179 -20.75 -7.27 -9.64
CA VAL A 179 -21.12 -6.56 -8.42
C VAL A 179 -20.29 -5.30 -8.28
N GLU A 180 -20.78 -4.37 -7.48
CA GLU A 180 -20.07 -3.15 -7.16
C GLU A 180 -19.64 -3.16 -5.70
N ASP A 181 -18.78 -2.20 -5.34
CA ASP A 181 -18.47 -1.96 -3.93
C ASP A 181 -19.77 -1.80 -3.15
N ALA A 182 -19.76 -2.30 -1.91
CA ALA A 182 -20.88 -2.08 -1.01
C ALA A 182 -21.10 -0.58 -0.82
N PRO A 183 -22.32 -0.16 -0.45
CA PRO A 183 -22.55 1.26 -0.17
C PRO A 183 -21.69 1.74 1.00
N ALA A 184 -21.27 3.00 0.91
CA ALA A 184 -20.37 3.58 1.90
C ALA A 184 -20.91 3.46 3.32
N SER A 185 -22.23 3.52 3.48
CA SER A 185 -22.83 3.48 4.82
C SER A 185 -22.53 2.19 5.57
N GLU A 186 -22.14 1.13 4.87
CA GLU A 186 -21.92 -0.16 5.51
C GLU A 186 -20.52 -0.33 6.09
N TRP A 187 -19.53 0.43 5.62
CA TRP A 187 -18.14 0.23 6.04
C TRP A 187 -17.34 1.50 6.27
N LYS A 188 -17.74 2.65 5.72
CA LYS A 188 -16.85 3.81 5.66
C LYS A 188 -16.56 4.37 7.05
N ALA A 189 -17.57 4.43 7.91
CA ALA A 189 -17.39 4.93 9.27
C ALA A 189 -17.11 3.83 10.28
N HIS A 190 -16.67 2.66 9.82
CA HIS A 190 -16.39 1.50 10.68
C HIS A 190 -14.92 1.09 10.56
N PRO A 191 -14.00 1.90 11.10
CA PRO A 191 -12.62 1.43 11.18
C PRO A 191 -12.48 0.34 12.23
N LEU A 192 -11.40 -0.43 12.09
CA LEU A 192 -10.92 -1.30 13.15
C LEU A 192 -10.12 -0.49 14.15
N VAL A 193 -9.85 -1.08 15.31
CA VAL A 193 -8.89 -0.51 16.25
C VAL A 193 -7.67 -1.41 16.31
N LEU A 194 -6.51 -0.80 16.51
CA LEU A 194 -5.25 -1.50 16.54
C LEU A 194 -4.39 -0.99 17.69
N PRO A 195 -3.62 -1.89 18.32
CA PRO A 195 -2.77 -1.48 19.43
C PRO A 195 -1.76 -0.43 19.02
N ASP A 196 -1.44 0.44 19.96
CA ASP A 196 -0.22 1.24 19.91
C ASP A 196 0.45 1.05 21.26
N ARG A 197 1.54 0.27 21.28
CA ARG A 197 2.25 -0.01 22.52
C ARG A 197 3.06 1.20 22.98
N GLU A 198 3.64 1.94 22.03
CA GLU A 198 4.41 3.12 22.40
C GLU A 198 3.51 4.23 22.92
N LYS A 199 2.26 4.28 22.48
CA LYS A 199 1.26 5.17 23.04
C LYS A 199 0.33 4.47 24.02
N ASN A 200 0.37 3.14 24.08
CA ASN A 200 -0.41 2.34 25.02
C ASN A 200 -1.91 2.62 24.89
N GLU A 201 -2.38 2.77 23.66
CA GLU A 201 -3.80 3.02 23.44
C GLU A 201 -4.25 2.35 22.15
N TRP A 202 -5.56 2.15 22.04
CA TRP A 202 -6.13 1.67 20.78
C TRP A 202 -6.35 2.85 19.84
N GLY A 203 -5.82 2.74 18.62
CA GLY A 203 -6.07 3.72 17.58
C GLY A 203 -6.97 3.13 16.51
N ARG A 204 -7.44 4.00 15.62
CA ARG A 204 -8.28 3.55 14.52
C ARG A 204 -7.46 3.33 13.26
N THR A 205 -7.88 2.38 12.45
CA THR A 205 -7.23 2.06 11.18
C THR A 205 -8.29 1.42 10.30
N HIS A 206 -8.20 1.64 8.99
CA HIS A 206 -9.20 1.14 8.05
C HIS A 206 -8.52 0.65 6.78
N PRO A 207 -7.77 -0.46 6.85
CA PRO A 207 -7.07 -0.93 5.66
C PRO A 207 -8.01 -1.30 4.52
N LEU A 208 -9.20 -1.83 4.82
CA LEU A 208 -10.13 -2.22 3.75
C LEU A 208 -10.56 -1.00 2.93
N ALA A 209 -10.73 0.15 3.58
CA ALA A 209 -11.07 1.36 2.86
C ALA A 209 -9.92 1.81 1.96
N GLN A 210 -8.68 1.67 2.42
CA GLN A 210 -7.52 2.01 1.58
C GLN A 210 -7.44 1.10 0.36
N ILE A 211 -7.59 -0.21 0.58
CA ILE A 211 -7.54 -1.15 -0.53
C ILE A 211 -8.64 -0.85 -1.54
N ARG A 212 -9.87 -0.64 -1.04
CA ARG A 212 -10.98 -0.31 -1.93
C ARG A 212 -10.69 0.94 -2.74
N TRP A 213 -10.22 2.00 -2.07
CA TRP A 213 -9.92 3.23 -2.79
C TRP A 213 -8.87 2.99 -3.86
N THR A 214 -7.83 2.22 -3.53
CA THR A 214 -6.77 1.94 -4.49
C THR A 214 -7.33 1.24 -5.72
N ALA A 215 -8.16 0.23 -5.50
CA ALA A 215 -8.72 -0.52 -6.62
C ALA A 215 -9.61 0.37 -7.49
N GLU A 216 -10.46 1.17 -6.85
CA GLU A 216 -11.34 2.07 -7.60
C GLU A 216 -10.52 3.08 -8.40
N LYS A 217 -9.52 3.71 -7.78
CA LYS A 217 -8.68 4.67 -8.49
C LYS A 217 -7.98 4.01 -9.67
N ASN A 218 -7.55 2.76 -9.50
CA ASN A 218 -6.90 2.06 -10.61
C ASN A 218 -7.88 1.83 -11.75
N ARG A 219 -9.15 1.54 -11.43
CA ARG A 219 -10.15 1.40 -12.49
C ARG A 219 -10.41 2.73 -13.19
N LEU A 220 -10.61 3.80 -12.43
CA LEU A 220 -10.81 5.14 -13.00
C LEU A 220 -9.62 5.60 -13.82
N CYS A 221 -8.44 5.03 -13.61
CA CYS A 221 -7.24 5.43 -14.35
C CYS A 221 -6.80 4.36 -15.34
N ASN A 222 -7.71 3.47 -15.72
CA ASN A 222 -7.49 2.50 -16.80
C ASN A 222 -6.29 1.59 -16.52
N GLY A 223 -6.12 1.20 -15.26
CA GLY A 223 -5.04 0.33 -14.87
C GLY A 223 -3.69 1.00 -14.71
N HIS A 224 -3.59 2.31 -14.91
CA HIS A 224 -2.30 2.97 -14.88
C HIS A 224 -1.87 3.42 -13.49
N TYR A 225 -2.81 3.49 -12.53
CA TYR A 225 -2.48 4.08 -11.23
C TYR A 225 -1.40 3.30 -10.50
N ILE A 226 -1.58 1.98 -10.34
CA ILE A 226 -0.61 1.21 -9.55
C ILE A 226 0.75 1.16 -10.27
N ASN A 227 0.74 1.20 -11.60
CA ASN A 227 1.99 1.21 -12.35
C ASN A 227 2.70 2.56 -12.22
N LEU A 228 1.94 3.65 -12.15
CA LEU A 228 2.54 4.96 -11.91
C LEU A 228 3.12 5.06 -10.50
N VAL A 229 2.44 4.44 -9.53
CA VAL A 229 3.01 4.38 -8.19
C VAL A 229 4.35 3.64 -8.23
N ARG A 230 4.38 2.49 -8.90
CA ARG A 230 5.64 1.75 -8.99
C ARG A 230 6.72 2.57 -9.70
N ALA A 231 6.36 3.26 -10.76
CA ALA A 231 7.35 4.02 -11.51
C ALA A 231 7.93 5.13 -10.66
N VAL A 232 7.07 5.85 -9.91
CA VAL A 232 7.57 6.93 -9.07
C VAL A 232 8.43 6.38 -7.94
N LYS A 233 8.06 5.21 -7.39
CA LYS A 233 8.89 4.59 -6.37
C LYS A 233 10.26 4.20 -6.94
N TRP A 234 10.28 3.71 -8.17
CA TRP A 234 11.54 3.35 -8.81
C TRP A 234 12.39 4.59 -9.03
N TRP A 235 11.78 5.66 -9.55
CA TRP A 235 12.47 6.93 -9.70
C TRP A 235 13.09 7.39 -8.38
N ARG A 236 12.31 7.30 -7.29
CA ARG A 236 12.85 7.73 -6.00
C ARG A 236 14.03 6.86 -5.58
N GLN A 237 13.94 5.56 -5.82
CA GLN A 237 15.03 4.67 -5.47
C GLN A 237 16.28 4.99 -6.29
N GLN A 238 16.13 5.22 -7.60
CA GLN A 238 17.28 5.50 -8.45
C GLN A 238 17.91 6.84 -8.16
N ASN A 239 17.18 7.77 -7.54
CA ASN A 239 17.68 9.10 -7.24
C ASN A 239 17.72 9.37 -5.74
N SER A 240 17.85 8.29 -4.95
CA SER A 240 17.71 8.41 -3.50
C SER A 240 18.73 9.35 -2.88
N GLU A 241 19.95 9.43 -3.44
CA GLU A 241 20.94 10.33 -2.87
C GLU A 241 20.61 11.78 -3.11
N ASP A 242 19.72 12.09 -4.06
CA ASP A 242 19.30 13.46 -4.32
C ASP A 242 17.98 13.82 -3.64
N LEU A 243 17.40 12.92 -2.85
CA LEU A 243 16.08 13.12 -2.31
C LEU A 243 16.09 12.86 -0.81
N PRO A 244 15.15 13.43 -0.07
CA PRO A 244 15.01 13.05 1.34
C PRO A 244 14.58 11.60 1.45
N LYS A 245 14.83 11.00 2.61
CA LYS A 245 14.42 9.62 2.82
C LYS A 245 12.90 9.49 2.83
N TYR A 246 12.22 10.47 3.40
CA TYR A 246 10.78 10.55 3.40
C TYR A 246 10.32 11.71 2.53
N PRO A 247 9.19 11.58 1.82
CA PRO A 247 8.25 10.46 1.90
C PRO A 247 8.68 9.21 1.13
N LYS A 248 8.25 8.06 1.63
CA LYS A 248 8.41 6.80 0.94
C LYS A 248 7.25 5.90 1.34
N GLY A 249 7.20 4.72 0.74
CA GLY A 249 6.16 3.77 1.11
C GLY A 249 4.76 4.35 0.94
N TYR A 250 3.90 4.08 1.91
CA TYR A 250 2.50 4.43 1.73
C TYR A 250 2.26 5.94 1.66
N PRO A 251 2.91 6.79 2.48
CA PRO A 251 2.70 8.23 2.28
C PRO A 251 3.07 8.70 0.88
N LEU A 252 4.11 8.12 0.27
CA LEU A 252 4.44 8.47 -1.11
C LEU A 252 3.36 7.98 -2.07
N GLU A 253 2.89 6.73 -1.89
CA GLU A 253 1.77 6.24 -2.69
C GLU A 253 0.58 7.17 -2.59
N HIS A 254 0.28 7.63 -1.37
CA HIS A 254 -0.90 8.46 -1.15
C HIS A 254 -0.74 9.81 -1.85
N LEU A 255 0.46 10.41 -1.77
CA LEU A 255 0.70 11.65 -2.53
C LEU A 255 0.48 11.42 -4.02
N ILE A 256 0.95 10.29 -4.55
CA ILE A 256 0.80 10.00 -5.98
C ILE A 256 -0.67 9.86 -6.35
N GLY A 257 -1.41 9.07 -5.58
CA GLY A 257 -2.83 8.91 -5.83
C GLY A 257 -3.61 10.19 -5.71
N ASN A 258 -3.14 11.10 -4.84
CA ASN A 258 -3.78 12.41 -4.74
C ASN A 258 -3.51 13.25 -5.97
N ALA A 259 -2.27 13.23 -6.48
CA ALA A 259 -1.92 14.07 -7.62
C ALA A 259 -2.52 13.55 -8.93
N LEU A 260 -2.66 12.23 -9.09
CA LEU A 260 -3.12 11.66 -10.35
C LEU A 260 -4.60 11.96 -10.58
N ASP A 261 -4.92 12.51 -11.76
CA ASP A 261 -6.31 12.70 -12.16
C ASP A 261 -6.92 11.39 -12.66
N ASN A 262 -8.24 11.29 -12.56
CA ASN A 262 -8.96 10.19 -13.18
C ASN A 262 -8.81 10.22 -14.69
N GLY A 263 -9.00 9.06 -15.32
CA GLY A 263 -9.05 8.98 -16.76
C GLY A 263 -7.71 8.82 -17.46
N THR A 264 -6.65 8.48 -16.73
CA THR A 264 -5.32 8.36 -17.29
C THR A 264 -5.32 7.42 -18.50
N THR A 265 -4.66 7.86 -19.60
CA THR A 265 -4.62 7.07 -20.83
C THR A 265 -3.26 6.47 -21.14
N SER A 266 -2.18 6.94 -20.53
CA SER A 266 -0.88 6.34 -20.75
C SER A 266 0.04 6.67 -19.58
N MET A 267 1.09 5.86 -19.42
CA MET A 267 2.08 6.10 -18.38
C MET A 267 2.74 7.46 -18.55
N ALA A 268 3.19 7.79 -19.76
CA ALA A 268 3.88 9.06 -20.01
C ALA A 268 2.98 10.25 -19.69
N GLN A 269 1.76 10.22 -20.22
CA GLN A 269 0.78 11.27 -19.94
C GLN A 269 0.50 11.37 -18.45
N GLY A 270 0.30 10.23 -17.80
CA GLY A 270 -0.06 10.25 -16.39
C GLY A 270 1.07 10.78 -15.53
N LEU A 271 2.31 10.41 -15.86
CA LEU A 271 3.47 10.92 -15.11
C LEU A 271 3.55 12.43 -15.22
N VAL A 272 3.50 12.95 -16.45
CA VAL A 272 3.60 14.39 -16.61
C VAL A 272 2.45 15.08 -15.89
N GLN A 273 1.25 14.52 -16.01
CA GLN A 273 0.07 15.15 -15.41
C GLN A 273 0.18 15.17 -13.89
N LEU A 274 0.52 14.04 -13.28
CA LEU A 274 0.56 13.99 -11.82
C LEU A 274 1.71 14.84 -11.29
N MET A 275 2.83 14.90 -11.99
CA MET A 275 3.91 15.75 -11.50
C MET A 275 3.53 17.23 -11.60
N ASP A 276 2.93 17.64 -12.74
CA ASP A 276 2.51 19.03 -12.88
C ASP A 276 1.45 19.40 -11.84
N THR A 277 0.49 18.51 -11.61
CA THR A 277 -0.53 18.79 -10.60
C THR A 277 0.06 18.84 -9.20
N PHE A 278 0.97 17.92 -8.88
CA PHE A 278 1.67 18.00 -7.60
C PHE A 278 2.32 19.37 -7.44
N LEU A 279 3.03 19.82 -8.47
CA LEU A 279 3.78 21.05 -8.37
C LEU A 279 2.86 22.27 -8.21
N SER A 280 1.75 22.30 -8.95
CA SER A 280 0.88 23.47 -8.84
C SER A 280 0.03 23.44 -7.58
N ARG A 281 -0.54 22.27 -7.25
CA ARG A 281 -1.39 22.14 -6.07
C ARG A 281 -0.65 22.54 -4.80
N TRP A 282 0.61 22.14 -4.67
CA TRP A 282 1.34 22.37 -3.42
C TRP A 282 2.31 23.53 -3.53
N ALA A 283 2.25 24.31 -4.61
CA ALA A 283 3.15 25.45 -4.74
C ALA A 283 2.99 26.43 -3.57
N ALA A 284 1.74 26.70 -3.17
CA ALA A 284 1.52 27.64 -2.07
C ALA A 284 2.17 27.13 -0.78
N ILE A 285 1.91 25.87 -0.43
CA ILE A 285 2.46 25.33 0.80
C ILE A 285 3.99 25.22 0.71
N TYR A 286 4.52 24.94 -0.49
CA TYR A 286 5.96 24.90 -0.66
C TYR A 286 6.59 26.27 -0.43
N ASN A 287 5.96 27.32 -0.97
CA ASN A 287 6.49 28.67 -0.75
C ASN A 287 6.33 29.10 0.71
N GLN A 288 5.34 28.56 1.41
CA GLN A 288 5.23 28.75 2.86
C GLN A 288 6.24 27.92 3.65
N LYS A 289 7.04 27.07 2.99
CA LYS A 289 7.96 26.16 3.66
C LYS A 289 7.24 25.26 4.65
N SER A 290 6.03 24.84 4.29
CA SER A 290 5.18 24.01 5.11
C SER A 290 5.04 22.63 4.44
N LYS A 291 4.06 21.86 4.89
CA LYS A 291 3.73 20.58 4.28
C LYS A 291 2.21 20.44 4.26
N PRO A 292 1.66 19.68 3.33
CA PRO A 292 0.21 19.52 3.29
C PRO A 292 -0.31 18.50 4.29
N TRP A 293 -1.55 18.71 4.70
CA TRP A 293 -2.35 17.67 5.34
C TRP A 293 -3.09 16.88 4.26
N LEU A 294 -3.00 15.56 4.32
CA LEU A 294 -3.81 14.71 3.46
C LEU A 294 -4.49 13.65 4.33
N SER A 295 -5.81 13.64 4.32
CA SER A 295 -6.55 12.69 5.14
C SER A 295 -6.42 11.28 4.60
N ASP A 296 -6.28 10.32 5.52
CA ASP A 296 -6.31 8.91 5.19
C ASP A 296 -7.68 8.50 4.66
N HIS A 297 -7.69 7.61 3.65
CA HIS A 297 -8.95 7.02 3.23
C HIS A 297 -9.44 6.08 4.33
N GLY A 298 -10.68 6.28 4.76
CA GLY A 298 -11.22 5.45 5.82
C GLY A 298 -11.17 6.07 7.21
N VAL A 299 -10.08 6.74 7.57
CA VAL A 299 -10.00 7.49 8.82
C VAL A 299 -9.62 8.92 8.47
N ALA A 300 -10.64 9.74 8.17
CA ALA A 300 -10.39 11.10 7.70
C ALA A 300 -9.74 11.98 8.76
N GLU A 301 -9.87 11.63 10.04
CA GLU A 301 -9.24 12.41 11.09
C GLU A 301 -7.73 12.20 11.16
N HIS A 302 -7.18 11.24 10.42
CA HIS A 302 -5.75 10.94 10.46
C HIS A 302 -5.05 11.59 9.27
N ASP A 303 -3.93 12.26 9.53
CA ASP A 303 -3.09 12.85 8.50
C ASP A 303 -2.06 11.81 8.07
N VAL A 304 -2.14 11.36 6.81
CA VAL A 304 -1.15 10.41 6.30
C VAL A 304 0.25 11.01 6.38
N MET A 305 0.37 12.33 6.29
CA MET A 305 1.65 13.02 6.31
C MET A 305 2.08 13.44 7.72
N ALA A 306 1.48 12.87 8.76
CA ALA A 306 1.73 13.34 10.12
C ALA A 306 3.21 13.32 10.45
N ARG A 307 3.92 12.27 10.07
CA ARG A 307 5.31 12.11 10.46
C ARG A 307 6.28 12.77 9.49
N LEU A 308 5.81 13.24 8.35
CA LEU A 308 6.67 13.90 7.38
C LEU A 308 6.99 15.32 7.85
N THR A 309 8.26 15.68 7.83
CA THR A 309 8.60 17.05 8.20
C THR A 309 8.39 17.98 7.00
N ALA A 310 8.22 19.27 7.29
CA ALA A 310 8.08 20.25 6.23
C ALA A 310 9.35 20.33 5.38
N GLU A 311 10.50 20.18 6.03
CA GLU A 311 11.76 20.22 5.30
C GLU A 311 11.87 19.06 4.31
N ASP A 312 11.49 17.86 4.75
CA ASP A 312 11.50 16.72 3.84
C ASP A 312 10.48 16.91 2.72
N PHE A 313 9.29 17.44 3.02
CA PHE A 313 8.32 17.66 1.94
C PHE A 313 8.86 18.66 0.92
N CYS A 314 9.47 19.74 1.39
CA CYS A 314 9.95 20.76 0.45
C CYS A 314 11.12 20.24 -0.39
N SER A 315 12.00 19.43 0.21
CA SER A 315 13.06 18.80 -0.58
C SER A 315 12.46 17.86 -1.63
N PHE A 316 11.46 17.07 -1.23
CA PHE A 316 10.81 16.19 -2.20
C PHE A 316 10.18 16.98 -3.33
N TYR A 317 9.54 18.11 -2.99
CA TYR A 317 8.90 18.96 -3.99
C TYR A 317 9.90 19.46 -5.02
N GLU A 318 11.06 19.93 -4.55
CA GLU A 318 12.13 20.33 -5.47
C GLU A 318 12.59 19.17 -6.34
N GLY A 319 12.67 17.97 -5.76
CA GLY A 319 12.99 16.79 -6.56
C GLY A 319 11.98 16.55 -7.67
N ILE A 320 10.69 16.71 -7.35
CA ILE A 320 9.63 16.53 -8.34
C ILE A 320 9.71 17.62 -9.41
N ALA A 321 10.02 18.85 -9.03
CA ALA A 321 10.12 19.92 -10.04
C ALA A 321 11.23 19.60 -11.04
N SER A 322 12.38 19.17 -10.52
CA SER A 322 13.47 18.77 -11.39
C SER A 322 13.04 17.63 -12.30
N ALA A 323 12.46 16.56 -11.72
CA ALA A 323 12.04 15.41 -12.52
C ALA A 323 11.02 15.82 -13.59
N ALA A 324 10.10 16.72 -13.25
CA ALA A 324 9.02 17.09 -14.16
C ALA A 324 9.56 17.78 -15.39
N GLU A 325 10.62 18.59 -15.26
CA GLU A 325 11.17 19.18 -16.47
C GLU A 325 11.64 18.11 -17.46
N ILE A 326 12.36 17.11 -16.94
CA ILE A 326 12.81 15.99 -17.78
C ILE A 326 11.60 15.27 -18.37
N ALA A 327 10.61 14.96 -17.54
CA ALA A 327 9.47 14.17 -18.00
C ALA A 327 8.72 14.89 -19.10
N ARG A 328 8.51 16.20 -18.95
CA ARG A 328 7.84 16.98 -19.99
C ARG A 328 8.62 16.92 -21.30
N ASN A 329 9.95 17.09 -21.23
CA ASN A 329 10.72 17.03 -22.47
C ASN A 329 10.75 15.62 -23.06
N ALA A 330 10.68 14.60 -22.20
CA ALA A 330 10.60 13.22 -22.69
C ALA A 330 9.29 13.00 -23.45
N LEU A 331 8.18 13.45 -22.87
CA LEU A 331 6.89 13.26 -23.52
C LEU A 331 6.81 14.05 -24.83
N ALA A 332 7.29 15.30 -24.82
CA ALA A 332 7.15 16.16 -25.99
C ALA A 332 8.07 15.76 -27.14
N SER A 333 9.15 15.04 -26.87
CA SER A 333 10.11 14.71 -27.93
C SER A 333 9.44 13.85 -29.00
N GLU A 334 9.73 14.17 -30.26
CA GLU A 334 9.18 13.43 -31.39
C GLU A 334 10.13 12.37 -31.92
N GLU A 335 11.28 12.16 -31.28
CA GLU A 335 12.23 11.15 -31.71
C GLU A 335 12.25 10.01 -30.71
N PRO A 336 12.13 8.75 -31.15
CA PRO A 336 12.09 7.64 -30.19
C PRO A 336 13.34 7.56 -29.31
N GLN A 337 14.53 7.66 -29.90
CA GLN A 337 15.76 7.49 -29.11
C GLN A 337 15.95 8.64 -28.12
N GLU A 338 15.67 9.87 -28.54
CA GLU A 338 15.78 10.99 -27.59
C GLU A 338 14.78 10.85 -26.44
N SER A 339 13.53 10.51 -26.76
CA SER A 339 12.53 10.33 -25.72
C SER A 339 12.97 9.28 -24.73
N ALA A 340 13.40 8.11 -25.24
CA ALA A 340 13.77 7.03 -24.35
C ALA A 340 15.00 7.40 -23.52
N GLN A 341 15.90 8.22 -24.08
CA GLN A 341 17.06 8.64 -23.29
C GLN A 341 16.65 9.56 -22.15
N LEU A 342 15.66 10.42 -22.39
CA LEU A 342 15.16 11.28 -21.30
C LEU A 342 14.44 10.44 -20.24
N TRP A 343 13.58 9.52 -20.68
CA TRP A 343 12.93 8.62 -19.72
C TRP A 343 13.97 7.85 -18.91
N ARG A 344 15.06 7.40 -19.55
CA ARG A 344 16.10 6.69 -18.84
C ARG A 344 16.86 7.61 -17.89
N GLN A 345 16.95 8.90 -18.22
CA GLN A 345 17.54 9.82 -17.26
C GLN A 345 16.70 9.89 -16.00
N LEU A 346 15.38 9.71 -16.14
CA LEU A 346 14.54 9.62 -14.94
C LEU A 346 14.68 8.27 -14.23
N PHE A 347 14.53 7.17 -14.98
CA PHE A 347 14.29 5.86 -14.39
C PHE A 347 15.51 4.94 -14.38
N GLY A 348 16.57 5.28 -15.11
CA GLY A 348 17.71 4.41 -15.18
C GLY A 348 17.56 3.32 -16.22
N SER A 349 18.52 2.38 -16.17
CA SER A 349 18.71 1.40 -17.24
C SER A 349 17.59 0.39 -17.36
N LYS A 350 16.71 0.27 -16.36
CA LYS A 350 15.59 -0.65 -16.48
C LYS A 350 14.57 -0.19 -17.51
N PHE A 351 14.60 1.09 -17.88
CA PHE A 351 13.77 1.58 -18.98
C PHE A 351 14.50 1.31 -20.29
N PRO A 352 13.94 0.50 -21.20
CA PRO A 352 14.70 0.08 -22.36
C PRO A 352 14.76 1.14 -23.45
N LEU A 353 15.85 1.09 -24.22
CA LEU A 353 15.90 1.81 -25.49
C LEU A 353 15.05 1.09 -26.53
N PRO A 354 14.36 1.82 -27.40
CA PRO A 354 13.59 1.16 -28.45
C PRO A 354 14.53 0.54 -29.48
N GLY A 355 14.21 -0.68 -29.90
CA GLY A 355 15.03 -1.39 -30.86
C GLY A 355 14.89 -0.86 -32.28
#